data_4CRQ
#
_entry.id   4CRQ
#
_cell.length_a   67.108
_cell.length_b   68.061
_cell.length_c   143.282
_cell.angle_alpha   90.00
_cell.angle_beta   90.00
_cell.angle_gamma   90.00
#
_symmetry.space_group_name_H-M   'P 21 21 21'
#
loop_
_entity.id
_entity.type
_entity.pdbx_description
1 polymer 'ENDO-1,3-BETA-GLUCANASE, FAMILY GH16'
2 non-polymer 'CALCIUM ION'
3 non-polymer 'CHLORIDE ION'
4 non-polymer 'ACETATE ION'
5 non-polymer 'MAGNESIUM ION'
6 non-polymer 1,2-ETHANEDIOL
7 non-polymer 'SODIUM ION'
8 water water
#
_entity_poly.entity_id   1
_entity_poly.type   'polypeptide(L)'
_entity_poly.pdbx_seq_one_letter_code
;QDYNLVWQDEFDDGIGPDWVFETGMGYNGWGNNELQYYRRENAAVENGNLVITAKHENFGGAQYTSARMKTQGRKSFKYG
KIEARIALPSGQGLWPAFWMLGNNITSVSWPACGEIDIMSRINNALQTHGTIHWSDQNGDHASYGDDVGVSDPGQYHIYS
VEWDANSIKWFVDGQQFNEVDISNGVNGTGEFQNEFFILLNMAVGGDWPGFDVDQSKLPAQMLVDYVRVYQKG
;
_entity_poly.pdbx_strand_id   A,B
#
loop_
_chem_comp.id
_chem_comp.type
_chem_comp.name
_chem_comp.formula
ACT non-polymer 'ACETATE ION' 'C2 H3 O2 -1'
CA non-polymer 'CALCIUM ION' 'Ca 2'
CL non-polymer 'CHLORIDE ION' 'Cl -1'
EDO non-polymer 1,2-ETHANEDIOL 'C2 H6 O2'
MG non-polymer 'MAGNESIUM ION' 'Mg 2'
NA non-polymer 'SODIUM ION' 'Na 1'
#
# COMPACT_ATOMS: atom_id res chain seq x y z
N ASP A 2 11.45 16.79 -3.35
CA ASP A 2 10.77 15.62 -3.99
C ASP A 2 11.58 14.32 -3.87
N TYR A 3 10.93 13.21 -3.49
CA TYR A 3 11.56 11.89 -3.38
C TYR A 3 11.80 11.26 -4.75
N ASN A 4 13.02 10.81 -5.02
CA ASN A 4 13.40 10.14 -6.27
C ASN A 4 13.96 8.76 -5.96
N LEU A 5 13.64 7.77 -6.79
CA LEU A 5 14.10 6.40 -6.52
C LEU A 5 15.63 6.32 -6.69
N VAL A 6 16.33 5.87 -5.65
CA VAL A 6 17.81 5.73 -5.73
C VAL A 6 18.27 4.25 -5.74
N TRP A 7 17.44 3.33 -5.21
CA TRP A 7 17.77 1.92 -5.20
C TRP A 7 16.53 1.10 -5.05
N GLN A 8 16.56 -0.10 -5.64
CA GLN A 8 15.47 -1.05 -5.48
C GLN A 8 15.92 -2.46 -5.68
N ASP A 9 15.17 -3.39 -5.12
CA ASP A 9 15.28 -4.79 -5.50
C ASP A 9 13.83 -5.22 -5.67
N GLU A 10 13.42 -5.52 -6.91
CA GLU A 10 12.04 -5.93 -7.26
C GLU A 10 11.86 -7.46 -7.21
N PHE A 11 12.96 -8.22 -7.04
CA PHE A 11 12.89 -9.69 -6.99
C PHE A 11 12.16 -10.29 -8.21
N ASP A 12 12.39 -9.74 -9.42
CA ASP A 12 11.65 -10.24 -10.60
C ASP A 12 11.80 -11.74 -10.83
N ASP A 13 13.04 -12.20 -10.88
CA ASP A 13 13.36 -13.62 -11.17
C ASP A 13 14.41 -14.23 -10.26
N GLY A 14 15.16 -13.35 -9.58
CA GLY A 14 16.15 -13.76 -8.60
C GLY A 14 16.41 -12.67 -7.61
N ILE A 15 17.32 -12.99 -6.68
CA ILE A 15 17.72 -12.06 -5.62
C ILE A 15 18.76 -11.15 -6.25
N GLY A 16 18.65 -9.85 -6.01
CA GLY A 16 19.58 -8.88 -6.62
C GLY A 16 21.01 -8.96 -6.07
N PRO A 17 21.93 -8.19 -6.68
CA PRO A 17 23.38 -8.28 -6.37
C PRO A 17 23.82 -7.65 -5.03
N ASP A 18 22.90 -6.97 -4.33
CA ASP A 18 23.30 -6.18 -3.13
C ASP A 18 23.05 -6.87 -1.78
N TRP A 19 22.69 -8.14 -1.83
CA TRP A 19 22.44 -8.90 -0.61
C TRP A 19 23.49 -9.91 -0.25
N VAL A 20 23.80 -9.96 1.04
CA VAL A 20 24.71 -10.92 1.68
C VAL A 20 23.84 -11.75 2.60
N PHE A 21 24.06 -13.06 2.60
CA PHE A 21 23.27 -13.99 3.43
C PHE A 21 24.06 -14.36 4.66
N GLU A 22 23.39 -14.32 5.81
CA GLU A 22 24.00 -14.74 7.08
C GLU A 22 23.63 -16.19 7.36
N THR A 23 24.47 -16.89 8.12
CA THR A 23 24.20 -18.28 8.43
C THR A 23 24.42 -18.52 9.90
N GLY A 24 23.82 -19.60 10.42
CA GLY A 24 24.03 -20.00 11.81
C GLY A 24 23.20 -19.26 12.82
N MET A 25 23.71 -19.32 14.05
CA MET A 25 22.98 -18.82 15.23
C MET A 25 23.57 -17.58 15.91
N GLY A 26 24.61 -17.01 15.32
CA GLY A 26 25.25 -15.81 15.84
C GLY A 26 25.77 -16.07 17.24
N TYR A 27 25.78 -15.01 18.05
CA TYR A 27 26.20 -15.10 19.41
C TYR A 27 24.95 -15.05 20.29
N ASN A 28 24.74 -16.11 21.08
CA ASN A 28 23.54 -16.27 21.95
C ASN A 28 22.23 -16.07 21.16
N GLY A 29 22.13 -16.77 20.02
CA GLY A 29 20.92 -16.69 19.19
C GLY A 29 20.69 -15.26 18.69
N TRP A 30 21.66 -14.74 17.95
CA TRP A 30 21.61 -13.40 17.34
C TRP A 30 21.33 -12.35 18.38
N GLY A 31 21.88 -12.57 19.57
CA GLY A 31 21.75 -11.70 20.75
C GLY A 31 20.39 -11.67 21.42
N ASN A 32 19.47 -12.56 21.00
CA ASN A 32 18.11 -12.60 21.55
C ASN A 32 17.62 -13.98 21.91
N ASN A 33 18.56 -14.95 22.01
CA ASN A 33 18.23 -16.36 22.33
C ASN A 33 17.27 -16.98 21.31
N GLU A 34 17.39 -16.54 20.06
CA GLU A 34 16.56 -17.06 18.94
C GLU A 34 16.87 -18.54 18.69
N LEU A 35 15.89 -19.27 18.17
CA LEU A 35 16.00 -20.75 18.03
C LEU A 35 16.39 -21.23 16.63
N GLN A 36 16.38 -20.34 15.64
CA GLN A 36 16.68 -20.76 14.24
C GLN A 36 18.17 -20.72 13.88
N TYR A 37 18.53 -21.60 12.95
CA TYR A 37 19.82 -21.58 12.32
C TYR A 37 19.63 -21.01 10.89
N TYR A 38 20.21 -19.84 10.57
CA TYR A 38 20.02 -19.26 9.24
C TYR A 38 20.83 -20.00 8.19
N ARG A 39 20.21 -20.20 7.03
CA ARG A 39 20.87 -20.82 5.84
C ARG A 39 20.51 -20.10 4.57
N ARG A 40 21.39 -20.19 3.58
CA ARG A 40 21.14 -19.60 2.29
C ARG A 40 19.90 -20.25 1.63
N GLU A 41 19.74 -21.56 1.82
CA GLU A 41 18.68 -22.38 1.19
C GLU A 41 17.28 -21.86 1.47
N ASN A 42 17.14 -21.18 2.61
CA ASN A 42 15.82 -20.73 3.04
C ASN A 42 15.33 -19.43 2.41
N ALA A 43 16.13 -18.81 1.54
CA ALA A 43 15.72 -17.63 0.77
C ALA A 43 15.64 -18.00 -0.69
N ALA A 44 14.54 -17.63 -1.36
CA ALA A 44 14.35 -17.95 -2.78
C ALA A 44 13.46 -16.90 -3.40
N VAL A 45 13.28 -16.90 -4.71
CA VAL A 45 12.33 -16.00 -5.36
C VAL A 45 11.27 -16.86 -6.03
N GLU A 46 10.01 -16.47 -5.85
CA GLU A 46 8.87 -17.12 -6.49
C GLU A 46 7.89 -16.04 -6.90
N ASN A 47 7.46 -16.08 -8.17
CA ASN A 47 6.42 -15.15 -8.68
C ASN A 47 6.66 -13.68 -8.32
N GLY A 48 7.89 -13.22 -8.55
CA GLY A 48 8.24 -11.82 -8.28
C GLY A 48 8.40 -11.43 -6.83
N ASN A 49 8.49 -12.40 -5.92
CA ASN A 49 8.68 -12.10 -4.53
C ASN A 49 9.93 -12.79 -4.01
N LEU A 50 10.64 -12.11 -3.13
CA LEU A 50 11.55 -12.80 -2.22
C LEU A 50 10.69 -13.63 -1.25
N VAL A 51 11.06 -14.89 -1.06
CA VAL A 51 10.37 -15.76 -0.10
C VAL A 51 11.41 -16.17 0.92
N ILE A 52 11.21 -15.76 2.18
CA ILE A 52 12.03 -16.28 3.30
C ILE A 52 11.16 -17.31 4.00
N THR A 53 11.66 -18.55 4.05
CA THR A 53 10.89 -19.64 4.63
C THR A 53 11.49 -20.13 5.94
N ALA A 54 10.70 -20.12 7.02
CA ALA A 54 11.08 -20.71 8.31
C ALA A 54 10.58 -22.15 8.31
N LYS A 55 11.46 -23.09 8.65
CA LYS A 55 11.15 -24.51 8.61
C LYS A 55 11.43 -25.15 9.91
N HIS A 56 10.65 -26.19 10.19
CA HIS A 56 10.94 -27.10 11.26
C HIS A 56 11.93 -28.08 10.64
N GLU A 57 13.22 -27.92 10.95
CA GLU A 57 14.29 -28.68 10.32
C GLU A 57 15.47 -28.75 11.27
N ASN A 58 15.88 -29.96 11.62
CA ASN A 58 17.01 -30.12 12.54
C ASN A 58 18.31 -29.82 11.79
N PHE A 59 19.09 -28.85 12.28
CA PHE A 59 20.34 -28.49 11.59
C PHE A 59 21.27 -27.83 12.57
N GLY A 60 22.49 -28.32 12.67
CA GLY A 60 23.51 -27.69 13.52
C GLY A 60 23.13 -27.50 14.97
N GLY A 61 22.34 -28.43 15.52
CA GLY A 61 21.90 -28.37 16.92
C GLY A 61 20.61 -27.56 17.12
N ALA A 62 20.14 -26.89 16.07
CA ALA A 62 18.89 -26.11 16.10
C ALA A 62 17.78 -26.97 15.55
N GLN A 63 16.54 -26.66 15.91
CA GLN A 63 15.42 -27.40 15.29
C GLN A 63 14.67 -26.55 14.27
N TYR A 64 15.16 -25.35 13.95
CA TYR A 64 14.52 -24.48 12.92
C TYR A 64 15.58 -23.90 12.01
N THR A 65 15.21 -23.70 10.76
CA THR A 65 16.04 -22.94 9.82
C THR A 65 15.22 -21.80 9.25
N SER A 66 15.90 -20.73 8.84
CA SER A 66 15.24 -19.60 8.20
C SER A 66 16.35 -18.83 7.46
N ALA A 67 16.08 -17.60 7.02
CA ALA A 67 17.07 -16.78 6.34
C ALA A 67 17.16 -15.40 6.92
N ARG A 68 18.35 -14.81 6.81
CA ARG A 68 18.65 -13.45 7.21
C ARG A 68 19.59 -12.88 6.16
N MET A 69 19.21 -11.73 5.61
CA MET A 69 19.93 -11.09 4.51
C MET A 69 20.21 -9.64 4.81
N LYS A 70 21.32 -9.10 4.33
CA LYS A 70 21.68 -7.71 4.59
C LYS A 70 22.37 -7.12 3.39
N THR A 71 22.33 -5.78 3.26
CA THR A 71 23.01 -5.10 2.17
C THR A 71 24.38 -4.57 2.63
N GLN A 72 24.81 -4.93 3.85
CA GLN A 72 26.11 -4.47 4.38
C GLN A 72 27.27 -4.63 3.40
N GLY A 73 28.01 -3.53 3.16
CA GLY A 73 29.17 -3.53 2.24
C GLY A 73 28.82 -3.39 0.76
N ARG A 74 27.52 -3.39 0.44
CA ARG A 74 27.03 -3.31 -0.95
C ARG A 74 26.14 -2.10 -1.16
N LYS A 75 25.24 -1.82 -0.20
CA LYS A 75 24.33 -0.70 -0.39
C LYS A 75 24.02 -0.10 0.95
N SER A 76 24.23 1.20 1.10
CA SER A 76 23.90 1.85 2.38
C SER A 76 23.46 3.29 2.07
N PHE A 77 22.69 3.83 3.01
CA PHE A 77 21.96 5.09 2.83
C PHE A 77 22.08 5.96 4.01
N LYS A 78 22.24 7.26 3.76
CA LYS A 78 22.13 8.29 4.81
C LYS A 78 20.89 9.10 4.46
N TYR A 79 19.82 8.89 5.23
CA TYR A 79 18.47 9.51 5.03
C TYR A 79 17.74 8.83 3.87
N GLY A 80 16.41 8.97 3.89
CA GLY A 80 15.57 8.53 2.79
C GLY A 80 14.23 8.00 3.21
N LYS A 81 13.43 7.63 2.21
CA LYS A 81 12.17 6.92 2.47
C LYS A 81 12.56 5.48 2.15
N ILE A 82 12.54 4.59 3.15
CA ILE A 82 13.01 3.21 2.98
C ILE A 82 11.78 2.35 3.20
N GLU A 83 11.42 1.54 2.21
CA GLU A 83 10.16 0.81 2.30
C GLU A 83 10.17 -0.56 1.65
N ALA A 84 9.19 -1.37 1.99
CA ALA A 84 9.04 -2.70 1.43
C ALA A 84 7.56 -3.05 1.43
N ARG A 85 7.19 -3.87 0.44
CA ARG A 85 5.81 -4.36 0.30
C ARG A 85 5.88 -5.83 0.74
N ILE A 86 5.25 -6.15 1.88
CA ILE A 86 5.44 -7.44 2.57
C ILE A 86 4.12 -8.07 3.01
N ALA A 87 4.03 -9.40 2.86
CA ALA A 87 2.91 -10.22 3.35
C ALA A 87 3.52 -11.18 4.36
N LEU A 88 2.91 -11.32 5.53
CA LEU A 88 3.50 -12.08 6.64
C LEU A 88 2.71 -13.31 7.05
N PRO A 89 3.42 -14.39 7.43
CA PRO A 89 2.74 -15.60 7.92
C PRO A 89 2.40 -15.41 9.39
N SER A 90 1.49 -16.20 9.94
CA SER A 90 1.17 -16.04 11.37
C SER A 90 1.41 -17.34 12.11
N GLY A 91 1.93 -17.26 13.33
CA GLY A 91 2.14 -18.47 14.12
C GLY A 91 2.98 -18.15 15.33
N GLN A 92 2.64 -18.78 16.46
CA GLN A 92 3.37 -18.61 17.72
C GLN A 92 4.85 -18.91 17.44
N GLY A 93 5.72 -17.98 17.83
CA GLY A 93 7.17 -18.12 17.64
C GLY A 93 7.73 -17.33 16.48
N LEU A 94 6.90 -16.97 15.49
CA LEU A 94 7.44 -16.31 14.27
C LEU A 94 7.79 -14.87 14.53
N TRP A 95 8.95 -14.43 14.01
CA TRP A 95 9.45 -13.08 14.29
C TRP A 95 10.10 -12.46 13.08
N PRO A 96 9.27 -11.99 12.12
CA PRO A 96 9.82 -11.36 10.94
C PRO A 96 10.24 -9.91 11.22
N ALA A 97 11.21 -9.41 10.43
CA ALA A 97 11.62 -8.00 10.58
C ALA A 97 12.22 -7.43 9.31
N PHE A 98 12.08 -6.10 9.15
CA PHE A 98 12.62 -5.33 8.05
C PHE A 98 13.26 -4.16 8.79
N TRP A 99 14.58 -4.03 8.67
CA TRP A 99 15.30 -3.10 9.54
C TRP A 99 16.60 -2.61 8.99
N MET A 100 17.32 -1.79 9.77
CA MET A 100 18.56 -1.15 9.29
C MET A 100 19.53 -1.04 10.44
N LEU A 101 20.81 -1.15 10.13
CA LEU A 101 21.90 -0.96 11.13
C LEU A 101 22.95 -0.01 10.61
N GLY A 102 23.62 0.76 11.48
CA GLY A 102 24.66 1.67 11.02
C GLY A 102 25.84 0.90 10.45
N ASN A 103 26.37 1.40 9.32
CA ASN A 103 27.63 0.85 8.74
C ASN A 103 28.75 0.71 9.74
N ASN A 104 28.79 1.61 10.73
CA ASN A 104 29.90 1.62 11.69
C ASN A 104 29.82 0.54 12.79
N ILE A 105 28.85 -0.38 12.66
CA ILE A 105 28.71 -1.53 13.59
C ILE A 105 30.06 -2.26 13.71
N THR A 106 30.80 -2.32 12.60
CA THR A 106 32.12 -2.99 12.55
C THR A 106 33.17 -2.32 13.46
N SER A 107 32.98 -1.04 13.79
CA SER A 107 33.94 -0.37 14.68
C SER A 107 33.38 0.03 16.05
N VAL A 108 32.10 0.43 16.12
CA VAL A 108 31.50 0.90 17.41
C VAL A 108 30.57 -0.13 18.08
N SER A 109 30.29 -1.23 17.36
CA SER A 109 29.44 -2.33 17.83
C SER A 109 27.95 -1.89 17.99
N TRP A 110 27.12 -2.76 18.55
CA TRP A 110 25.71 -2.50 18.80
C TRP A 110 25.50 -2.28 20.28
N PRO A 111 24.62 -1.34 20.69
CA PRO A 111 23.72 -0.49 19.89
C PRO A 111 24.27 0.88 19.46
N ALA A 112 25.55 1.16 19.75
CA ALA A 112 26.15 2.46 19.40
C ALA A 112 26.02 2.76 17.91
N CYS A 113 26.05 1.72 17.05
CA CYS A 113 25.90 1.89 15.60
C CYS A 113 24.53 2.45 15.20
N GLY A 114 23.53 2.24 16.05
CA GLY A 114 22.14 2.63 15.80
C GLY A 114 21.42 1.55 15.02
N GLU A 115 20.13 1.43 15.26
CA GLU A 115 19.28 0.48 14.60
C GLU A 115 17.92 1.10 14.36
N ILE A 116 17.40 0.95 13.14
CA ILE A 116 16.06 1.42 12.79
C ILE A 116 15.26 0.18 12.42
N ASP A 117 14.30 -0.19 13.25
CA ASP A 117 13.38 -1.29 12.95
C ASP A 117 12.17 -0.69 12.24
N ILE A 118 12.07 -0.94 10.92
CA ILE A 118 10.99 -0.37 10.10
C ILE A 118 9.70 -1.13 10.37
N MET A 119 9.80 -2.47 10.37
CA MET A 119 8.68 -3.32 10.72
C MET A 119 9.21 -4.50 11.51
N SER A 120 8.56 -4.81 12.64
CA SER A 120 8.76 -6.14 13.27
C SER A 120 7.39 -6.60 13.77
N ARG A 121 7.22 -7.91 13.87
CA ARG A 121 5.98 -8.50 14.37
C ARG A 121 6.33 -9.77 15.11
N ILE A 122 5.52 -10.11 16.11
CA ILE A 122 5.69 -11.41 16.78
C ILE A 122 4.40 -12.22 16.79
N ASN A 123 4.59 -13.54 16.71
CA ASN A 123 3.51 -14.51 16.97
C ASN A 123 2.30 -14.26 16.06
N ASN A 124 1.09 -14.18 16.61
CA ASN A 124 -0.12 -13.90 15.80
C ASN A 124 -0.67 -12.49 16.03
N ALA A 125 0.19 -11.57 16.53
CA ALA A 125 -0.26 -10.22 16.91
C ALA A 125 -0.91 -9.48 15.73
N LEU A 126 -2.01 -8.77 15.99
CA LEU A 126 -2.64 -8.03 14.89
C LEU A 126 -2.14 -6.56 14.89
N GLN A 127 -0.84 -6.44 15.02
CA GLN A 127 -0.14 -5.17 15.03
C GLN A 127 1.31 -5.38 14.67
N THR A 128 1.93 -4.32 14.22
CA THR A 128 3.36 -4.36 13.88
C THR A 128 4.01 -3.20 14.61
N HIS A 129 5.33 -3.27 14.73
CA HIS A 129 6.12 -2.28 15.47
C HIS A 129 7.14 -1.55 14.64
N GLY A 130 7.54 -0.38 15.15
CA GLY A 130 8.57 0.50 14.59
C GLY A 130 9.35 1.02 15.77
N THR A 131 10.67 0.82 15.74
CA THR A 131 11.51 1.10 16.90
C THR A 131 12.90 1.58 16.49
N ILE A 132 13.55 2.37 17.35
CA ILE A 132 14.99 2.63 17.22
C ILE A 132 15.70 2.10 18.48
N HIS A 133 16.94 1.67 18.31
CA HIS A 133 17.83 1.27 19.40
C HIS A 133 19.13 2.00 19.21
N TRP A 134 19.70 2.52 20.30
CA TRP A 134 20.96 3.26 20.22
C TRP A 134 21.65 3.28 21.56
N SER A 135 22.88 3.86 21.63
CA SER A 135 23.58 4.09 22.85
C SER A 135 23.39 5.58 23.17
N ASP A 136 22.73 5.90 24.29
CA ASP A 136 22.40 7.30 24.66
C ASP A 136 23.64 8.07 25.18
N GLN A 137 23.44 9.35 25.57
CA GLN A 137 24.55 10.22 26.05
C GLN A 137 25.33 9.69 27.29
N ASN A 138 24.68 8.82 28.09
CA ASN A 138 25.31 8.18 29.27
C ASN A 138 26.07 6.88 28.91
N GLY A 139 25.95 6.46 27.65
CA GLY A 139 26.56 5.22 27.15
C GLY A 139 25.68 4.01 27.43
N ASP A 140 24.40 4.26 27.76
CA ASP A 140 23.43 3.20 28.07
C ASP A 140 22.54 2.85 26.91
N HIS A 141 22.18 1.56 26.85
CA HIS A 141 21.24 1.02 25.86
C HIS A 141 19.95 1.76 25.98
N ALA A 142 19.52 2.33 24.84
CA ALA A 142 18.28 3.07 24.75
C ALA A 142 17.43 2.51 23.63
N SER A 143 16.12 2.56 23.83
CA SER A 143 15.16 2.16 22.79
C SER A 143 13.92 3.04 22.87
N TYR A 144 13.25 3.20 21.72
CA TYR A 144 12.04 4.00 21.58
C TYR A 144 11.21 3.40 20.47
N GLY A 145 10.00 2.98 20.79
CA GLY A 145 9.16 2.34 19.79
C GLY A 145 7.68 2.55 20.00
N ASP A 146 6.90 2.16 19.00
CA ASP A 146 5.44 2.18 19.09
C ASP A 146 4.89 1.10 18.14
N ASP A 147 3.59 0.89 18.17
CA ASP A 147 2.97 -0.10 17.30
C ASP A 147 1.70 0.44 16.67
N VAL A 148 1.18 -0.29 15.70
CA VAL A 148 -0.04 0.10 15.00
C VAL A 148 -0.81 -1.17 14.69
N GLY A 149 -2.14 -1.10 14.77
CA GLY A 149 -2.99 -2.23 14.43
C GLY A 149 -2.91 -2.51 12.93
N VAL A 150 -2.79 -3.78 12.55
CA VAL A 150 -2.79 -4.22 11.15
C VAL A 150 -3.80 -5.37 11.14
N SER A 151 -4.98 -5.18 10.53
CA SER A 151 -6.10 -6.18 10.54
CA SER A 151 -6.07 -6.22 10.62
C SER A 151 -5.74 -7.59 10.03
N ASP A 152 -5.08 -7.63 8.87
CA ASP A 152 -4.68 -8.88 8.27
C ASP A 152 -3.23 -8.76 7.78
N PRO A 153 -2.25 -9.09 8.65
CA PRO A 153 -0.84 -8.96 8.24
C PRO A 153 -0.45 -9.98 7.17
N GLY A 154 -1.33 -10.97 6.94
CA GLY A 154 -1.13 -11.96 5.86
C GLY A 154 -1.38 -11.42 4.45
N GLN A 155 -2.07 -10.28 4.37
CA GLN A 155 -2.15 -9.56 3.10
C GLN A 155 -0.89 -8.73 2.92
N TYR A 156 -0.66 -8.23 1.68
CA TYR A 156 0.44 -7.26 1.50
C TYR A 156 0.11 -5.93 2.18
N HIS A 157 1.13 -5.33 2.79
CA HIS A 157 1.10 -3.96 3.31
C HIS A 157 2.39 -3.28 2.96
N ILE A 158 2.37 -1.94 2.95
CA ILE A 158 3.59 -1.17 2.72
C ILE A 158 4.14 -0.73 4.09
N TYR A 159 5.39 -1.12 4.38
CA TYR A 159 6.04 -0.71 5.64
C TYR A 159 7.15 0.25 5.30
N SER A 160 7.17 1.46 5.91
CA SER A 160 8.21 2.41 5.54
C SER A 160 8.62 3.30 6.71
N VAL A 161 9.79 3.89 6.56
CA VAL A 161 10.21 4.99 7.42
C VAL A 161 10.60 6.14 6.56
N GLU A 162 10.32 7.36 6.99
CA GLU A 162 10.90 8.57 6.37
C GLU A 162 11.93 9.09 7.38
N TRP A 163 13.18 9.15 6.95
CA TRP A 163 14.30 9.52 7.78
C TRP A 163 15.01 10.71 7.22
N ASP A 164 15.08 11.81 7.96
CA ASP A 164 15.85 12.99 7.53
C ASP A 164 16.81 13.38 8.67
N ALA A 165 17.50 14.51 8.52
CA ALA A 165 18.43 14.98 9.55
C ALA A 165 17.77 15.26 10.91
N ASN A 166 16.47 15.52 10.91
CA ASN A 166 15.73 15.94 12.13
C ASN A 166 14.80 14.92 12.78
N SER A 167 14.35 13.92 12.02
CA SER A 167 13.39 12.96 12.56
C SER A 167 13.37 11.65 11.82
N ILE A 168 12.78 10.63 12.45
CA ILE A 168 12.45 9.38 11.74
C ILE A 168 10.95 9.23 12.00
N LYS A 169 10.21 8.95 10.93
CA LYS A 169 8.77 8.72 11.01
C LYS A 169 8.49 7.33 10.46
N TRP A 170 7.57 6.60 11.09
CA TRP A 170 7.16 5.25 10.64
C TRP A 170 5.75 5.28 10.10
N PHE A 171 5.50 4.41 9.11
CA PHE A 171 4.22 4.30 8.44
C PHE A 171 3.90 2.85 8.10
N VAL A 172 2.60 2.54 8.11
CA VAL A 172 2.09 1.29 7.55
C VAL A 172 1.03 1.80 6.61
N ASP A 173 1.14 1.42 5.33
CA ASP A 173 0.18 1.83 4.30
C ASP A 173 -0.02 3.36 4.31
N GLY A 174 1.06 4.11 4.57
CA GLY A 174 0.99 5.58 4.62
C GLY A 174 0.47 6.21 5.89
N GLN A 175 0.09 5.39 6.88
CA GLN A 175 -0.44 5.91 8.14
C GLN A 175 0.71 6.02 9.12
N GLN A 176 1.00 7.24 9.57
CA GLN A 176 2.07 7.45 10.53
C GLN A 176 1.67 6.91 11.91
N PHE A 177 2.58 6.20 12.59
CA PHE A 177 2.29 5.66 13.91
C PHE A 177 3.41 5.86 14.94
N ASN A 178 4.53 6.43 14.48
CA ASN A 178 5.65 6.72 15.36
C ASN A 178 6.53 7.78 14.76
N GLU A 179 7.11 8.59 15.64
CA GLU A 179 8.05 9.64 15.26
CA GLU A 179 8.08 9.63 15.27
C GLU A 179 9.05 9.79 16.41
N VAL A 180 10.30 10.00 16.05
CA VAL A 180 11.38 10.30 16.99
C VAL A 180 12.12 11.53 16.46
N ASP A 181 12.44 12.42 17.39
CA ASP A 181 13.23 13.58 17.12
C ASP A 181 14.70 13.15 17.22
N ILE A 182 15.46 13.44 16.18
CA ILE A 182 16.91 13.18 16.16
C ILE A 182 17.72 14.47 15.91
N SER A 183 17.05 15.63 15.79
CA SER A 183 17.72 16.91 15.46
C SER A 183 18.87 17.23 16.43
N ASN A 184 20.02 17.58 15.84
CA ASN A 184 21.27 17.93 16.55
C ASN A 184 21.77 16.85 17.52
N GLY A 185 21.35 15.60 17.28
CA GLY A 185 21.72 14.47 18.10
C GLY A 185 21.18 14.49 19.53
N VAL A 186 20.03 15.15 19.73
CA VAL A 186 19.28 15.21 21.02
C VAL A 186 19.15 13.78 21.64
N ASN A 187 19.30 13.65 22.96
CA ASN A 187 19.28 12.34 23.67
C ASN A 187 20.33 11.32 23.16
N GLY A 188 21.49 11.83 22.72
CA GLY A 188 22.57 11.02 22.16
C GLY A 188 22.24 10.28 20.86
N THR A 189 21.34 10.83 20.03
CA THR A 189 20.90 10.25 18.74
C THR A 189 21.77 10.61 17.51
N GLY A 190 22.98 11.15 17.76
CA GLY A 190 23.94 11.54 16.69
C GLY A 190 24.26 10.43 15.70
N GLU A 191 24.20 9.19 16.18
CA GLU A 191 24.47 8.00 15.35
C GLU A 191 23.50 7.86 14.16
N PHE A 192 22.32 8.49 14.25
CA PHE A 192 21.36 8.44 13.12
C PHE A 192 21.66 9.45 12.00
N GLN A 193 22.82 10.10 12.07
CA GLN A 193 23.31 10.99 11.03
C GLN A 193 24.37 10.33 10.15
N ASN A 194 24.41 9.01 10.16
CA ASN A 194 25.39 8.21 9.42
C ASN A 194 24.70 7.28 8.41
N GLU A 195 25.50 6.57 7.60
CA GLU A 195 24.95 5.61 6.64
C GLU A 195 24.55 4.31 7.32
N PHE A 196 23.41 3.77 6.89
CA PHE A 196 22.87 2.50 7.41
C PHE A 196 22.62 1.52 6.27
N PHE A 197 22.81 0.22 6.50
CA PHE A 197 22.47 -0.82 5.52
C PHE A 197 21.13 -1.48 5.93
N ILE A 198 20.51 -2.23 5.01
CA ILE A 198 19.18 -2.83 5.22
C ILE A 198 19.28 -4.34 5.53
N LEU A 199 18.36 -4.84 6.36
CA LEU A 199 18.26 -6.28 6.67
C LEU A 199 16.81 -6.75 6.55
N LEU A 200 16.68 -8.01 6.15
CA LEU A 200 15.40 -8.74 6.15
C LEU A 200 15.66 -10.08 6.79
N ASN A 201 14.75 -10.52 7.66
CA ASN A 201 14.88 -11.87 8.25
C ASN A 201 13.58 -12.36 8.80
N MET A 202 13.55 -13.66 9.10
CA MET A 202 12.45 -14.14 9.94
C MET A 202 13.05 -15.07 11.01
N ALA A 203 13.04 -14.64 12.27
CA ALA A 203 13.52 -15.47 13.37
C ALA A 203 12.41 -16.41 13.85
N VAL A 204 12.80 -17.47 14.56
CA VAL A 204 11.86 -18.36 15.23
C VAL A 204 12.26 -18.42 16.71
N GLY A 205 11.35 -17.95 17.58
CA GLY A 205 11.59 -17.87 19.03
C GLY A 205 12.58 -16.77 19.40
N GLY A 206 12.71 -16.54 20.71
CA GLY A 206 13.61 -15.50 21.19
C GLY A 206 12.96 -14.80 22.35
N ASP A 207 13.71 -13.89 22.97
CA ASP A 207 13.23 -13.21 24.19
C ASP A 207 11.86 -12.55 24.03
N TRP A 208 11.70 -11.83 22.93
CA TRP A 208 10.47 -11.12 22.62
C TRP A 208 9.29 -12.03 22.28
N PRO A 209 9.35 -12.85 21.19
CA PRO A 209 8.18 -13.69 20.88
C PRO A 209 7.95 -14.82 21.91
N GLY A 210 9.01 -15.22 22.63
CA GLY A 210 8.91 -16.31 23.59
C GLY A 210 9.46 -17.57 22.95
N PHE A 211 9.48 -18.66 23.72
CA PHE A 211 10.13 -19.92 23.30
C PHE A 211 9.20 -21.07 22.92
N ASP A 212 7.90 -20.76 22.84
CA ASP A 212 6.91 -21.72 22.37
C ASP A 212 6.69 -21.43 20.90
N VAL A 213 6.73 -22.50 20.10
CA VAL A 213 6.57 -22.41 18.66
C VAL A 213 5.45 -23.30 18.23
N ASP A 214 4.52 -22.74 17.44
CA ASP A 214 3.48 -23.55 16.82
C ASP A 214 4.07 -24.16 15.52
N GLN A 215 4.61 -25.38 15.64
CA GLN A 215 5.28 -26.00 14.50
C GLN A 215 4.29 -26.38 13.40
N SER A 216 2.98 -26.43 13.72
CA SER A 216 1.96 -26.72 12.70
C SER A 216 1.85 -25.56 11.67
N LYS A 217 2.41 -24.40 11.99
CA LYS A 217 2.43 -23.26 11.06
C LYS A 217 3.71 -23.25 10.19
N LEU A 218 4.56 -24.25 10.35
CA LEU A 218 5.82 -24.35 9.58
C LEU A 218 5.61 -25.40 8.47
N PRO A 219 6.14 -25.19 7.23
CA PRO A 219 6.97 -24.07 6.82
C PRO A 219 6.13 -22.79 6.68
N ALA A 220 6.71 -21.66 7.11
CA ALA A 220 6.05 -20.34 7.10
C ALA A 220 6.79 -19.45 6.12
N GLN A 221 6.06 -18.74 5.26
CA GLN A 221 6.66 -17.90 4.22
C GLN A 221 6.45 -16.41 4.47
N MET A 222 7.54 -15.67 4.55
CA MET A 222 7.52 -14.20 4.56
C MET A 222 7.74 -13.79 3.09
N LEU A 223 6.80 -13.02 2.52
CA LEU A 223 6.83 -12.61 1.12
C LEU A 223 7.18 -11.15 1.03
N VAL A 224 8.26 -10.85 0.31
CA VAL A 224 8.69 -9.46 0.09
C VAL A 224 8.64 -9.19 -1.44
N ASP A 225 7.66 -8.38 -1.85
CA ASP A 225 7.49 -8.05 -3.26
C ASP A 225 8.66 -7.18 -3.73
N TYR A 226 9.08 -6.22 -2.92
CA TYR A 226 10.21 -5.37 -3.30
C TYR A 226 10.71 -4.62 -2.11
N VAL A 227 11.93 -4.12 -2.18
CA VAL A 227 12.44 -3.12 -1.22
C VAL A 227 12.81 -1.91 -2.11
N ARG A 228 12.40 -0.69 -1.71
CA ARG A 228 12.72 0.51 -2.48
C ARG A 228 13.21 1.60 -1.55
N VAL A 229 14.18 2.38 -2.04
CA VAL A 229 14.70 3.52 -1.30
C VAL A 229 14.60 4.75 -2.17
N TYR A 230 13.95 5.79 -1.66
CA TYR A 230 13.87 7.07 -2.30
C TYR A 230 14.62 8.11 -1.47
N GLN A 231 15.23 9.09 -2.13
CA GLN A 231 15.89 10.19 -1.40
C GLN A 231 15.52 11.51 -2.05
N LYS A 232 15.55 12.58 -1.26
CA LYS A 232 15.25 13.93 -1.72
C LYS A 232 16.55 14.69 -1.70
N ASP B 2 0.03 19.38 8.53
CA ASP B 2 -0.02 17.92 8.27
C ASP B 2 -1.44 17.47 7.95
N TYR B 3 -1.54 16.32 7.28
CA TYR B 3 -2.84 15.73 6.89
C TYR B 3 -3.56 15.13 8.10
N ASN B 4 -4.83 15.50 8.32
CA ASN B 4 -5.65 14.92 9.39
C ASN B 4 -6.88 14.25 8.78
N LEU B 5 -7.28 13.10 9.31
CA LEU B 5 -8.44 12.35 8.79
C LEU B 5 -9.73 13.17 8.95
N VAL B 6 -10.43 13.44 7.84
CA VAL B 6 -11.71 14.20 7.90
C VAL B 6 -12.96 13.34 7.63
N TRP B 7 -12.76 12.22 6.93
CA TRP B 7 -13.86 11.31 6.62
C TRP B 7 -13.34 9.94 6.22
N GLN B 8 -14.11 8.91 6.52
CA GLN B 8 -13.79 7.56 6.14
C GLN B 8 -15.01 6.69 6.07
N ASP B 9 -14.86 5.61 5.33
CA ASP B 9 -15.79 4.49 5.45
C ASP B 9 -14.89 3.25 5.49
N GLU B 10 -14.87 2.55 6.62
CA GLU B 10 -14.04 1.38 6.84
C GLU B 10 -14.76 0.09 6.50
N PHE B 11 -16.07 0.18 6.17
CA PHE B 11 -16.87 -1.00 5.84
C PHE B 11 -16.71 -2.13 6.89
N ASP B 12 -16.72 -1.78 8.19
CA ASP B 12 -16.59 -2.79 9.22
C ASP B 12 -17.65 -3.89 9.11
N ASP B 13 -18.92 -3.48 9.10
CA ASP B 13 -20.03 -4.44 9.11
C ASP B 13 -21.12 -4.16 8.11
N GLY B 14 -21.09 -2.96 7.54
CA GLY B 14 -22.09 -2.53 6.57
C GLY B 14 -21.56 -1.33 5.82
N ILE B 15 -22.37 -0.87 4.87
CA ILE B 15 -22.06 0.28 4.02
C ILE B 15 -22.46 1.51 4.84
N GLY B 16 -21.56 2.52 4.86
CA GLY B 16 -21.75 3.73 5.67
C GLY B 16 -22.89 4.61 5.16
N PRO B 17 -23.28 5.62 5.97
CA PRO B 17 -24.45 6.46 5.64
C PRO B 17 -24.27 7.45 4.46
N ASP B 18 -23.05 7.60 3.95
CA ASP B 18 -22.81 8.66 2.94
C ASP B 18 -22.84 8.22 1.47
N TRP B 19 -23.26 6.99 1.21
CA TRP B 19 -23.32 6.44 -0.15
C TRP B 19 -24.73 6.33 -0.65
N VAL B 20 -24.89 6.80 -1.88
CA VAL B 20 -26.11 6.73 -2.71
C VAL B 20 -25.78 5.71 -3.82
N PHE B 21 -26.73 4.85 -4.16
CA PHE B 21 -26.52 3.85 -5.19
C PHE B 21 -27.24 4.25 -6.45
N GLU B 22 -26.53 4.11 -7.56
N GLU B 22 -26.56 4.07 -7.58
CA GLU B 22 -27.08 4.31 -8.90
CA GLU B 22 -27.14 4.37 -8.89
C GLU B 22 -27.78 3.04 -9.34
C GLU B 22 -27.62 3.10 -9.55
N THR B 23 -28.75 3.19 -10.24
CA THR B 23 -29.45 2.05 -10.78
CA THR B 23 -29.35 2.00 -10.82
C THR B 23 -29.53 2.19 -12.31
N GLY B 24 -29.54 1.08 -13.05
CA GLY B 24 -29.79 1.12 -14.49
C GLY B 24 -28.61 1.38 -15.38
N MET B 25 -28.91 1.85 -16.59
CA MET B 25 -27.90 2.00 -17.61
C MET B 25 -27.59 3.46 -17.98
N GLY B 26 -28.18 4.42 -17.26
CA GLY B 26 -27.91 5.84 -17.53
C GLY B 26 -28.31 6.19 -18.96
N TYR B 27 -27.58 7.11 -19.58
CA TYR B 27 -27.84 7.55 -20.95
CA TYR B 27 -27.84 7.55 -20.94
C TYR B 27 -26.72 6.98 -21.81
N ASN B 28 -27.08 6.19 -22.83
CA ASN B 28 -26.10 5.52 -23.71
C ASN B 28 -25.04 4.72 -22.89
N GLY B 29 -25.53 3.92 -21.93
CA GLY B 29 -24.63 3.09 -21.12
C GLY B 29 -23.65 3.96 -20.35
N TRP B 30 -24.20 4.84 -19.52
CA TRP B 30 -23.41 5.76 -18.69
C TRP B 30 -22.43 6.59 -19.48
N GLY B 31 -22.84 6.95 -20.69
CA GLY B 31 -22.06 7.81 -21.57
C GLY B 31 -20.90 7.11 -22.28
N ASN B 32 -20.74 5.81 -22.05
CA ASN B 32 -19.61 5.06 -22.58
C ASN B 32 -20.00 3.75 -23.26
N ASN B 33 -21.29 3.59 -23.56
CA ASN B 33 -21.82 2.34 -24.15
C ASN B 33 -21.56 1.11 -23.28
N GLU B 34 -21.60 1.31 -21.98
CA GLU B 34 -21.38 0.21 -21.04
C GLU B 34 -22.55 -0.80 -21.09
N LEU B 35 -22.25 -2.03 -20.73
CA LEU B 35 -23.22 -3.12 -20.89
C LEU B 35 -23.97 -3.54 -19.63
N GLN B 36 -23.57 -3.05 -18.45
CA GLN B 36 -24.23 -3.44 -17.19
C GLN B 36 -25.41 -2.58 -16.79
N TYR B 37 -26.32 -3.20 -16.03
CA TYR B 37 -27.44 -2.51 -15.39
C TYR B 37 -27.04 -2.46 -13.90
N TYR B 38 -26.85 -1.26 -13.34
CA TYR B 38 -26.43 -1.15 -11.95
C TYR B 38 -27.62 -1.42 -11.02
N ARG B 39 -27.34 -2.06 -9.88
CA ARG B 39 -28.38 -2.39 -8.91
C ARG B 39 -27.79 -2.23 -7.52
N ARG B 40 -28.64 -1.85 -6.57
CA ARG B 40 -28.27 -1.81 -5.16
C ARG B 40 -27.79 -3.19 -4.68
N GLU B 41 -28.45 -4.26 -5.17
CA GLU B 41 -28.22 -5.66 -4.77
C GLU B 41 -26.82 -6.14 -5.01
N ASN B 42 -26.11 -5.47 -5.93
CA ASN B 42 -24.76 -5.91 -6.30
C ASN B 42 -23.63 -5.35 -5.41
N ALA B 43 -24.00 -4.62 -4.35
CA ALA B 43 -23.06 -4.08 -3.35
C ALA B 43 -23.43 -4.69 -2.00
N ALA B 44 -22.43 -5.17 -1.27
CA ALA B 44 -22.60 -5.76 0.07
C ALA B 44 -21.31 -5.58 0.84
N VAL B 45 -21.33 -5.92 2.13
CA VAL B 45 -20.08 -5.97 2.92
C VAL B 45 -19.80 -7.41 3.34
N GLU B 46 -18.55 -7.87 3.16
CA GLU B 46 -18.09 -9.18 3.66
C GLU B 46 -16.71 -9.00 4.28
N ASN B 47 -16.51 -9.50 5.51
CA ASN B 47 -15.19 -9.48 6.15
C ASN B 47 -14.50 -8.11 6.13
N GLY B 48 -15.25 -7.05 6.44
CA GLY B 48 -14.66 -5.73 6.53
C GLY B 48 -14.37 -5.05 5.19
N ASN B 49 -14.88 -5.59 4.10
CA ASN B 49 -14.72 -5.00 2.79
C ASN B 49 -16.05 -4.71 2.14
N LEU B 50 -16.16 -3.56 1.47
CA LEU B 50 -17.22 -3.39 0.47
C LEU B 50 -16.91 -4.37 -0.70
N VAL B 51 -17.93 -5.09 -1.17
CA VAL B 51 -17.81 -6.01 -2.26
C VAL B 51 -18.77 -5.52 -3.33
N ILE B 52 -18.22 -5.14 -4.49
CA ILE B 52 -19.03 -4.80 -5.66
C ILE B 52 -18.89 -6.01 -6.57
N THR B 53 -20.02 -6.65 -6.88
CA THR B 53 -20.00 -7.85 -7.69
C THR B 53 -20.61 -7.61 -9.06
N ALA B 54 -19.85 -7.88 -10.14
CA ALA B 54 -20.41 -7.89 -11.48
C ALA B 54 -20.88 -9.30 -11.79
N LYS B 55 -22.11 -9.42 -12.31
CA LYS B 55 -22.73 -10.72 -12.56
C LYS B 55 -23.21 -10.83 -14.00
N HIS B 56 -23.21 -12.07 -14.50
CA HIS B 56 -23.86 -12.42 -15.75
C HIS B 56 -25.28 -12.72 -15.34
N GLU B 57 -26.17 -11.77 -15.61
CA GLU B 57 -27.52 -11.80 -15.08
C GLU B 57 -28.40 -10.95 -15.96
N ASN B 58 -29.47 -11.53 -16.49
CA ASN B 58 -30.42 -10.75 -17.30
C ASN B 58 -31.27 -9.88 -16.39
N PHE B 59 -31.27 -8.57 -16.65
CA PHE B 59 -32.07 -7.65 -15.85
C PHE B 59 -32.24 -6.36 -16.59
N GLY B 60 -33.49 -5.90 -16.66
CA GLY B 60 -33.85 -4.63 -17.27
C GLY B 60 -33.31 -4.41 -18.67
N GLY B 61 -33.24 -5.49 -19.47
CA GLY B 61 -32.76 -5.45 -20.84
C GLY B 61 -31.25 -5.61 -21.02
N ALA B 62 -30.50 -5.63 -19.92
CA ALA B 62 -29.04 -5.84 -19.94
C ALA B 62 -28.72 -7.30 -19.66
N GLN B 63 -27.52 -7.75 -20.03
CA GLN B 63 -27.14 -9.14 -19.68
C GLN B 63 -26.15 -9.20 -18.46
N TYR B 64 -25.80 -8.03 -17.93
CA TYR B 64 -24.89 -7.94 -16.76
C TYR B 64 -25.45 -6.99 -15.72
N THR B 65 -25.16 -7.24 -14.45
CA THR B 65 -25.48 -6.29 -13.37
C THR B 65 -24.19 -6.01 -12.60
N SER B 66 -24.14 -4.85 -11.94
CA SER B 66 -23.00 -4.51 -11.11
C SER B 66 -23.48 -3.40 -10.19
N ALA B 67 -22.57 -2.69 -9.51
CA ALA B 67 -22.95 -1.58 -8.63
C ALA B 67 -22.11 -0.33 -8.91
N ARG B 68 -22.73 0.82 -8.65
CA ARG B 68 -22.08 2.15 -8.78
C ARG B 68 -22.60 2.96 -7.60
N MET B 69 -21.66 3.48 -6.81
CA MET B 69 -21.96 4.19 -5.57
C MET B 69 -21.32 5.55 -5.57
N LYS B 70 -21.96 6.53 -4.97
CA LYS B 70 -21.40 7.89 -4.96
C LYS B 70 -21.73 8.58 -3.65
N THR B 71 -20.92 9.59 -3.29
CA THR B 71 -21.22 10.35 -2.04
C THR B 71 -21.95 11.68 -2.36
N GLN B 72 -22.35 11.86 -3.63
CA GLN B 72 -23.04 13.07 -4.11
C GLN B 72 -24.19 13.50 -3.18
N GLY B 73 -24.18 14.79 -2.78
CA GLY B 73 -25.21 15.30 -1.84
C GLY B 73 -24.98 14.96 -0.39
N ARG B 74 -24.00 14.10 -0.07
CA ARG B 74 -23.76 13.67 1.32
C ARG B 74 -22.37 14.04 1.79
N LYS B 75 -21.32 13.78 0.98
CA LYS B 75 -19.98 14.19 1.37
C LYS B 75 -19.23 14.67 0.14
N SER B 76 -18.59 15.84 0.26
CA SER B 76 -17.77 16.33 -0.84
C SER B 76 -16.60 17.07 -0.19
N PHE B 77 -15.55 17.32 -0.99
CA PHE B 77 -14.26 17.83 -0.52
C PHE B 77 -13.64 18.74 -1.54
N LYS B 78 -13.02 19.82 -1.03
CA LYS B 78 -12.20 20.73 -1.83
C LYS B 78 -10.79 20.49 -1.31
N TYR B 79 -9.95 19.83 -2.13
CA TYR B 79 -8.56 19.44 -1.79
C TYR B 79 -8.52 18.28 -0.81
N GLY B 80 -7.34 17.63 -0.76
CA GLY B 80 -7.05 16.60 0.19
C GLY B 80 -6.27 15.44 -0.35
N LYS B 81 -6.06 14.47 0.54
CA LYS B 81 -5.47 13.18 0.19
C LYS B 81 -6.69 12.26 0.19
N ILE B 82 -7.03 11.71 -1.00
CA ILE B 82 -8.22 10.83 -1.16
C ILE B 82 -7.68 9.45 -1.55
N GLU B 83 -7.99 8.45 -0.71
CA GLU B 83 -7.38 7.15 -0.89
C GLU B 83 -8.33 6.00 -0.67
N ALA B 84 -8.03 4.87 -1.28
CA ALA B 84 -8.79 3.62 -1.04
C ALA B 84 -7.87 2.43 -1.18
N ARG B 85 -8.13 1.39 -0.38
CA ARG B 85 -7.35 0.14 -0.41
C ARG B 85 -8.25 -0.85 -1.11
N ILE B 86 -7.82 -1.28 -2.32
CA ILE B 86 -8.68 -2.01 -3.28
C ILE B 86 -7.95 -3.24 -3.86
N ALA B 87 -8.68 -4.35 -4.00
CA ALA B 87 -8.20 -5.58 -4.69
C ALA B 87 -9.15 -5.76 -5.87
N LEU B 88 -8.60 -6.04 -7.07
CA LEU B 88 -9.42 -6.07 -8.29
C LEU B 88 -9.50 -7.41 -8.96
N PRO B 89 -10.69 -7.76 -9.52
CA PRO B 89 -10.84 -9.06 -10.23
C PRO B 89 -10.31 -8.90 -11.64
N SER B 90 -9.93 -9.98 -12.30
CA SER B 90 -9.40 -9.86 -13.67
C SER B 90 -10.35 -10.53 -14.64
N GLY B 91 -10.55 -9.95 -15.82
CA GLY B 91 -11.39 -10.57 -16.82
C GLY B 91 -11.66 -9.59 -17.92
N GLN B 92 -11.61 -10.07 -19.18
CA GLN B 92 -11.97 -9.25 -20.31
C GLN B 92 -13.36 -8.61 -20.11
N GLY B 93 -13.43 -7.29 -20.31
CA GLY B 93 -14.68 -6.53 -20.20
C GLY B 93 -14.79 -5.78 -18.88
N LEU B 94 -14.05 -6.19 -17.84
CA LEU B 94 -14.23 -5.56 -16.52
C LEU B 94 -13.57 -4.17 -16.46
N TRP B 95 -14.29 -3.21 -15.89
CA TRP B 95 -13.83 -1.83 -15.83
C TRP B 95 -14.12 -1.19 -14.48
N PRO B 96 -13.30 -1.51 -13.46
CA PRO B 96 -13.48 -0.88 -12.16
C PRO B 96 -12.89 0.53 -12.10
N ALA B 97 -13.42 1.35 -11.18
CA ALA B 97 -12.90 2.73 -11.02
C ALA B 97 -13.17 3.28 -9.65
N PHE B 98 -12.27 4.18 -9.23
CA PHE B 98 -12.39 4.95 -7.98
C PHE B 98 -12.12 6.36 -8.43
N TRP B 99 -13.08 7.25 -8.25
CA TRP B 99 -13.01 8.57 -8.90
C TRP B 99 -13.83 9.61 -8.25
N MET B 100 -13.80 10.84 -8.78
CA MET B 100 -14.43 12.00 -8.17
C MET B 100 -15.00 12.87 -9.27
N LEU B 101 -16.12 13.55 -8.98
CA LEU B 101 -16.79 14.49 -9.90
C LEU B 101 -17.12 15.77 -9.19
N GLY B 102 -17.08 16.90 -9.89
CA GLY B 102 -17.45 18.17 -9.27
C GLY B 102 -18.93 18.17 -8.83
N ASN B 103 -19.23 18.68 -7.62
CA ASN B 103 -20.62 18.88 -7.16
C ASN B 103 -21.47 19.63 -8.17
N ASN B 104 -20.85 20.55 -8.93
CA ASN B 104 -21.59 21.37 -9.89
C ASN B 104 -21.98 20.62 -11.18
N ILE B 105 -21.77 19.30 -11.25
CA ILE B 105 -22.24 18.56 -12.45
C ILE B 105 -23.74 18.82 -12.70
N THR B 106 -24.48 19.08 -11.62
CA THR B 106 -25.92 19.34 -11.68
C THR B 106 -26.27 20.61 -12.47
N SER B 107 -25.33 21.55 -12.56
CA SER B 107 -25.58 22.80 -13.30
C SER B 107 -24.69 23.00 -14.53
N VAL B 108 -23.47 22.47 -14.52
CA VAL B 108 -22.57 22.66 -15.69
C VAL B 108 -22.39 21.39 -16.52
N SER B 109 -22.93 20.26 -16.05
CA SER B 109 -22.83 18.98 -16.75
C SER B 109 -21.36 18.48 -16.82
N TRP B 110 -21.12 17.43 -17.59
CA TRP B 110 -19.81 16.83 -17.73
C TRP B 110 -19.33 17.07 -19.14
N PRO B 111 -18.01 17.33 -19.35
CA PRO B 111 -16.90 17.34 -18.36
C PRO B 111 -16.63 18.65 -17.66
N ALA B 112 -17.44 19.69 -17.93
CA ALA B 112 -17.19 21.00 -17.32
C ALA B 112 -17.08 20.93 -15.78
N CYS B 113 -17.81 20.01 -15.13
CA CYS B 113 -17.76 19.83 -13.65
C CYS B 113 -16.39 19.41 -13.15
N GLY B 114 -15.58 18.82 -14.05
CA GLY B 114 -14.28 18.25 -13.66
C GLY B 114 -14.45 16.81 -13.17
N GLU B 115 -13.46 15.99 -13.48
CA GLU B 115 -13.42 14.58 -13.08
C GLU B 115 -12.00 14.24 -12.69
N ILE B 116 -11.81 13.60 -11.54
CA ILE B 116 -10.50 13.10 -11.13
C ILE B 116 -10.67 11.58 -11.04
N ASP B 117 -10.03 10.85 -11.94
CA ASP B 117 -10.04 9.39 -11.87
C ASP B 117 -8.81 9.00 -11.09
N ILE B 118 -9.05 8.54 -9.87
CA ILE B 118 -7.95 8.17 -8.96
C ILE B 118 -7.32 6.85 -9.43
N MET B 119 -8.18 5.89 -9.73
CA MET B 119 -7.75 4.59 -10.27
C MET B 119 -8.80 4.13 -11.25
N SER B 120 -8.37 3.74 -12.45
CA SER B 120 -9.24 2.95 -13.30
C SER B 120 -8.39 1.87 -13.94
N ARG B 121 -9.04 0.77 -14.31
CA ARG B 121 -8.36 -0.38 -14.90
C ARG B 121 -9.28 -1.00 -15.93
N ILE B 122 -8.71 -1.57 -17.00
CA ILE B 122 -9.55 -2.35 -17.92
C ILE B 122 -9.05 -3.77 -18.12
N ASN B 123 -10.00 -4.71 -18.32
CA ASN B 123 -9.66 -6.08 -18.78
C ASN B 123 -8.66 -6.76 -17.84
N ASN B 124 -7.60 -7.35 -18.37
CA ASN B 124 -6.58 -8.04 -17.57
C ASN B 124 -5.29 -7.23 -17.49
N ALA B 125 -5.37 -5.93 -17.80
CA ALA B 125 -4.15 -5.11 -17.89
C ALA B 125 -3.34 -5.11 -16.58
N LEU B 126 -2.02 -5.21 -16.69
CA LEU B 126 -1.17 -5.14 -15.48
C LEU B 126 -0.69 -3.69 -15.24
N GLN B 127 -1.65 -2.77 -15.27
CA GLN B 127 -1.40 -1.34 -15.09
C GLN B 127 -2.73 -0.70 -14.71
N THR B 128 -2.66 0.38 -13.97
CA THR B 128 -3.83 1.18 -13.69
C THR B 128 -3.58 2.62 -14.16
N HIS B 129 -4.65 3.40 -14.27
CA HIS B 129 -4.58 4.76 -14.81
C HIS B 129 -5.00 5.79 -13.82
N GLY B 130 -4.50 7.02 -14.00
CA GLY B 130 -4.86 8.19 -13.14
C GLY B 130 -5.08 9.29 -14.17
N THR B 131 -6.24 9.94 -14.16
CA THR B 131 -6.63 10.87 -15.25
C THR B 131 -7.47 12.01 -14.73
N ILE B 132 -7.41 13.19 -15.35
CA ILE B 132 -8.42 14.20 -15.12
C ILE B 132 -9.18 14.46 -16.44
N HIS B 133 -10.46 14.85 -16.36
CA HIS B 133 -11.22 15.31 -17.55
C HIS B 133 -11.81 16.65 -17.21
N TRP B 134 -11.89 17.57 -18.15
CA TRP B 134 -12.49 18.88 -17.89
C TRP B 134 -12.80 19.56 -19.18
N SER B 135 -13.46 20.72 -19.10
CA SER B 135 -13.74 21.52 -20.29
C SER B 135 -12.77 22.68 -20.27
N ASP B 136 -11.97 22.86 -21.33
CA ASP B 136 -10.92 23.93 -21.31
C ASP B 136 -11.51 25.33 -21.52
N GLN B 137 -10.66 26.37 -21.59
CA GLN B 137 -11.18 27.76 -21.64
C GLN B 137 -11.85 28.08 -23.00
N ASN B 138 -11.75 27.15 -23.94
CA ASN B 138 -12.40 27.25 -25.24
C ASN B 138 -13.70 26.44 -25.27
N GLY B 139 -14.08 25.80 -24.15
CA GLY B 139 -15.28 24.94 -24.05
C GLY B 139 -15.15 23.54 -24.66
N ASP B 140 -13.92 23.13 -24.97
CA ASP B 140 -13.65 21.81 -25.54
C ASP B 140 -13.27 20.81 -24.46
N HIS B 141 -13.68 19.56 -24.68
CA HIS B 141 -13.34 18.47 -23.77
C HIS B 141 -11.85 18.27 -23.75
N ALA B 142 -11.29 18.24 -22.54
CA ALA B 142 -9.87 18.04 -22.34
C ALA B 142 -9.64 16.85 -21.44
N SER B 143 -8.52 16.18 -21.60
CA SER B 143 -8.14 15.14 -20.64
C SER B 143 -6.63 15.04 -20.53
N TYR B 144 -6.16 14.48 -19.42
CA TYR B 144 -4.76 14.34 -19.13
C TYR B 144 -4.60 13.17 -18.19
N GLY B 145 -3.79 12.18 -18.59
CA GLY B 145 -3.59 11.02 -17.74
C GLY B 145 -2.37 10.22 -18.04
N ASP B 146 -2.09 9.24 -17.18
CA ASP B 146 -0.96 8.36 -17.34
C ASP B 146 -1.31 7.04 -16.70
N ASP B 147 -0.45 6.05 -16.91
CA ASP B 147 -0.65 4.77 -16.25
C ASP B 147 0.61 4.35 -15.52
N VAL B 148 0.47 3.31 -14.68
CA VAL B 148 1.59 2.80 -13.95
C VAL B 148 1.47 1.27 -13.88
N GLY B 149 2.59 0.55 -13.93
CA GLY B 149 2.56 -0.90 -13.82
C GLY B 149 2.12 -1.33 -12.43
N VAL B 150 1.22 -2.31 -12.37
CA VAL B 150 0.75 -2.89 -11.09
C VAL B 150 0.85 -4.39 -11.39
N SER B 151 1.85 -5.06 -10.80
CA SER B 151 2.18 -6.43 -11.19
C SER B 151 1.03 -7.42 -10.93
N ASP B 152 0.29 -7.23 -9.83
CA ASP B 152 -0.87 -8.07 -9.50
C ASP B 152 -2.00 -7.20 -8.91
N PRO B 153 -2.88 -6.66 -9.79
CA PRO B 153 -4.00 -5.84 -9.34
C PRO B 153 -5.01 -6.64 -8.52
N GLY B 154 -4.93 -7.99 -8.54
CA GLY B 154 -5.78 -8.85 -7.70
C GLY B 154 -5.41 -8.84 -6.21
N GLN B 155 -4.19 -8.36 -5.90
CA GLN B 155 -3.80 -8.14 -4.50
C GLN B 155 -4.31 -6.75 -4.06
N TYR B 156 -4.37 -6.50 -2.74
CA TYR B 156 -4.63 -5.13 -2.32
C TYR B 156 -3.53 -4.16 -2.72
N HIS B 157 -3.96 -2.98 -3.14
CA HIS B 157 -3.08 -1.87 -3.44
C HIS B 157 -3.79 -0.61 -3.01
N ILE B 158 -3.03 0.34 -2.46
CA ILE B 158 -3.63 1.64 -2.08
C ILE B 158 -3.55 2.65 -3.23
N TYR B 159 -4.71 3.16 -3.67
CA TYR B 159 -4.77 4.12 -4.78
C TYR B 159 -5.12 5.47 -4.21
N SER B 160 -4.37 6.52 -4.55
CA SER B 160 -4.65 7.82 -3.93
C SER B 160 -4.31 8.98 -4.84
N VAL B 161 -4.93 10.11 -4.56
CA VAL B 161 -4.46 11.39 -5.08
C VAL B 161 -4.15 12.35 -3.93
N GLU B 162 -3.23 13.29 -4.16
CA GLU B 162 -3.03 14.45 -3.30
C GLU B 162 -3.42 15.63 -4.16
N TRP B 163 -4.42 16.40 -3.74
CA TRP B 163 -4.95 17.51 -4.51
C TRP B 163 -4.85 18.75 -3.68
N ASP B 164 -4.24 19.80 -4.21
CA ASP B 164 -4.23 21.08 -3.49
C ASP B 164 -4.50 22.20 -4.52
N ALA B 165 -4.37 23.46 -4.13
CA ALA B 165 -4.73 24.55 -5.04
C ALA B 165 -3.89 24.58 -6.33
N ASN B 166 -2.70 23.97 -6.28
CA ASN B 166 -1.75 24.07 -7.38
C ASN B 166 -1.58 22.82 -8.25
N SER B 167 -1.90 21.64 -7.73
CA SER B 167 -1.65 20.41 -8.49
C SER B 167 -2.49 19.26 -8.02
N ILE B 168 -2.59 18.25 -8.87
CA ILE B 168 -3.14 16.94 -8.47
C ILE B 168 -2.01 15.94 -8.72
N LYS B 169 -1.72 15.08 -7.76
CA LYS B 169 -0.67 14.06 -7.88
C LYS B 169 -1.33 12.72 -7.64
N TRP B 170 -0.94 11.72 -8.41
CA TRP B 170 -1.46 10.34 -8.25
C TRP B 170 -0.42 9.41 -7.69
N PHE B 171 -0.87 8.43 -6.90
CA PHE B 171 0.01 7.47 -6.24
C PHE B 171 -0.59 6.09 -6.25
N VAL B 172 0.30 5.08 -6.30
CA VAL B 172 -0.09 3.70 -6.00
C VAL B 172 0.84 3.29 -4.86
N ASP B 173 0.27 2.76 -3.79
CA ASP B 173 1.08 2.36 -2.61
C ASP B 173 2.02 3.48 -2.09
N GLY B 174 1.49 4.71 -2.08
CA GLY B 174 2.21 5.89 -1.55
C GLY B 174 3.36 6.40 -2.40
N GLN B 175 3.46 5.91 -3.63
CA GLN B 175 4.56 6.26 -4.56
C GLN B 175 3.97 6.94 -5.80
N GLN B 176 4.47 8.14 -6.08
CA GLN B 176 3.87 8.98 -7.10
C GLN B 176 4.11 8.49 -8.55
N PHE B 177 3.09 8.55 -9.40
CA PHE B 177 3.27 8.19 -10.84
C PHE B 177 2.77 9.23 -11.85
N ASN B 178 2.07 10.26 -11.39
CA ASN B 178 1.58 11.29 -12.30
C ASN B 178 1.29 12.58 -11.53
N GLU B 179 1.30 13.69 -12.25
CA GLU B 179 0.99 14.99 -11.67
C GLU B 179 0.46 15.89 -12.78
N VAL B 180 -0.50 16.77 -12.44
CA VAL B 180 -0.99 17.79 -13.37
C VAL B 180 -1.01 19.14 -12.66
N ASP B 181 -0.69 20.18 -13.43
CA ASP B 181 -0.68 21.56 -12.97
C ASP B 181 -2.08 22.16 -13.10
N ILE B 182 -2.65 22.62 -11.99
CA ILE B 182 -3.94 23.32 -12.01
C ILE B 182 -3.78 24.75 -11.41
N SER B 183 -2.54 25.20 -11.13
CA SER B 183 -2.30 26.48 -10.43
C SER B 183 -2.99 27.63 -11.18
N ASN B 184 -3.74 28.44 -10.43
CA ASN B 184 -4.42 29.64 -10.98
C ASN B 184 -5.41 29.31 -12.10
N GLY B 185 -5.87 28.06 -12.16
CA GLY B 185 -6.80 27.64 -13.22
C GLY B 185 -6.16 27.58 -14.59
N VAL B 186 -4.83 27.39 -14.65
CA VAL B 186 -4.09 27.34 -15.92
C VAL B 186 -4.71 26.29 -16.86
N ASN B 187 -4.72 26.59 -18.16
CA ASN B 187 -5.21 25.65 -19.19
C ASN B 187 -6.67 25.25 -18.97
N GLY B 188 -7.46 26.19 -18.43
CA GLY B 188 -8.89 25.98 -18.21
C GLY B 188 -9.29 25.08 -17.06
N THR B 189 -8.35 24.85 -16.13
CA THR B 189 -8.56 23.91 -15.00
C THR B 189 -9.25 24.50 -13.73
N GLY B 190 -9.87 25.69 -13.87
CA GLY B 190 -10.48 26.36 -12.71
C GLY B 190 -11.51 25.57 -11.92
N GLU B 191 -12.18 24.61 -12.56
CA GLU B 191 -13.22 23.85 -11.85
C GLU B 191 -12.62 22.91 -10.78
N PHE B 192 -11.32 22.65 -10.86
CA PHE B 192 -10.63 21.86 -9.81
C PHE B 192 -10.38 22.67 -8.53
N GLN B 193 -10.92 23.90 -8.45
CA GLN B 193 -10.91 24.66 -7.17
C GLN B 193 -12.21 24.52 -6.40
N ASN B 194 -13.12 23.67 -6.88
CA ASN B 194 -14.43 23.49 -6.25
C ASN B 194 -14.51 22.14 -5.52
N GLU B 195 -15.64 21.90 -4.83
CA GLU B 195 -15.84 20.64 -4.12
C GLU B 195 -16.25 19.51 -5.06
N PHE B 196 -15.71 18.32 -4.78
CA PHE B 196 -15.95 17.09 -5.56
C PHE B 196 -16.47 16.00 -4.62
N PHE B 197 -17.37 15.15 -5.15
CA PHE B 197 -17.82 13.95 -4.42
C PHE B 197 -17.10 12.71 -4.94
N ILE B 198 -17.19 11.59 -4.23
CA ILE B 198 -16.48 10.35 -4.53
C ILE B 198 -17.40 9.31 -5.17
N LEU B 199 -16.85 8.49 -6.06
CA LEU B 199 -17.56 7.38 -6.68
C LEU B 199 -16.73 6.10 -6.71
N LEU B 200 -17.41 4.98 -6.57
CA LEU B 200 -16.82 3.64 -6.78
C LEU B 200 -17.75 2.87 -7.67
N ASN B 201 -17.20 2.17 -8.69
CA ASN B 201 -18.07 1.32 -9.48
C ASN B 201 -17.25 0.20 -10.18
N MET B 202 -17.97 -0.76 -10.74
CA MET B 202 -17.29 -1.65 -11.74
C MET B 202 -18.24 -1.79 -12.93
N ALA B 203 -17.83 -1.24 -14.08
CA ALA B 203 -18.60 -1.38 -15.33
C ALA B 203 -18.23 -2.71 -15.99
N VAL B 204 -19.09 -3.18 -16.89
CA VAL B 204 -18.81 -4.34 -17.72
C VAL B 204 -19.00 -3.87 -19.18
N GLY B 205 -17.91 -3.89 -19.94
CA GLY B 205 -17.91 -3.42 -21.33
C GLY B 205 -17.99 -1.90 -21.45
N GLY B 206 -17.78 -1.41 -22.67
CA GLY B 206 -17.84 0.02 -22.93
C GLY B 206 -16.79 0.39 -23.93
N ASP B 207 -16.76 1.66 -24.33
CA ASP B 207 -15.83 2.12 -25.39
C ASP B 207 -14.36 1.78 -25.10
N TRP B 208 -13.94 2.03 -23.88
CA TRP B 208 -12.55 1.81 -23.52
C TRP B 208 -12.18 0.33 -23.36
N PRO B 209 -12.84 -0.45 -22.48
CA PRO B 209 -12.43 -1.86 -22.38
C PRO B 209 -12.78 -2.72 -23.60
N GLY B 210 -13.74 -2.24 -24.40
CA GLY B 210 -14.25 -3.00 -25.55
C GLY B 210 -15.52 -3.72 -25.15
N PHE B 211 -16.12 -4.44 -26.08
CA PHE B 211 -17.45 -5.07 -25.90
C PHE B 211 -17.46 -6.58 -25.74
N ASP B 212 -16.26 -7.17 -25.76
CA ASP B 212 -16.08 -8.58 -25.43
C ASP B 212 -15.97 -8.77 -23.94
N VAL B 213 -16.72 -9.74 -23.44
CA VAL B 213 -16.74 -10.01 -22.02
C VAL B 213 -16.39 -11.49 -21.80
N ASP B 214 -15.41 -11.76 -20.94
CA ASP B 214 -15.13 -13.15 -20.55
C ASP B 214 -16.12 -13.52 -19.44
N GLN B 215 -17.25 -14.12 -19.84
CA GLN B 215 -18.30 -14.47 -18.88
C GLN B 215 -17.84 -15.58 -17.92
N SER B 216 -16.77 -16.32 -18.26
CA SER B 216 -16.24 -17.36 -17.34
C SER B 216 -15.60 -16.72 -16.07
N LYS B 217 -15.36 -15.41 -16.08
CA LYS B 217 -14.79 -14.68 -14.93
C LYS B 217 -15.88 -14.00 -14.09
N LEU B 218 -17.14 -14.21 -14.43
CA LEU B 218 -18.27 -13.70 -13.67
C LEU B 218 -18.85 -14.85 -12.85
N PRO B 219 -19.27 -14.62 -11.58
CA PRO B 219 -19.28 -13.32 -10.89
C PRO B 219 -17.87 -12.83 -10.50
N ALA B 220 -17.65 -11.52 -10.63
CA ALA B 220 -16.36 -10.92 -10.35
C ALA B 220 -16.50 -9.93 -9.21
N GLN B 221 -15.61 -10.03 -8.21
CA GLN B 221 -15.68 -9.17 -7.03
C GLN B 221 -14.57 -8.12 -6.97
N MET B 222 -15.00 -6.86 -6.84
CA MET B 222 -14.13 -5.73 -6.53
C MET B 222 -14.20 -5.52 -5.02
N LEU B 223 -13.04 -5.56 -4.34
CA LEU B 223 -13.00 -5.46 -2.86
C LEU B 223 -12.41 -4.12 -2.45
N VAL B 224 -13.17 -3.38 -1.62
CA VAL B 224 -12.70 -2.07 -1.11
C VAL B 224 -12.65 -2.19 0.41
N ASP B 225 -11.44 -2.24 0.96
CA ASP B 225 -11.25 -2.35 2.40
C ASP B 225 -11.69 -1.07 3.07
N TYR B 226 -11.41 0.08 2.47
CA TYR B 226 -11.83 1.36 3.03
C TYR B 226 -11.62 2.47 2.07
N VAL B 227 -12.30 3.60 2.31
CA VAL B 227 -12.04 4.87 1.61
C VAL B 227 -11.72 5.87 2.72
N ARG B 228 -10.67 6.69 2.57
CA ARG B 228 -10.32 7.67 3.60
C ARG B 228 -9.97 8.98 2.91
N VAL B 229 -10.35 10.08 3.53
CA VAL B 229 -10.04 11.41 3.06
C VAL B 229 -9.33 12.15 4.18
N TYR B 230 -8.18 12.72 3.87
CA TYR B 230 -7.39 13.55 4.80
C TYR B 230 -7.30 14.97 4.26
N GLN B 231 -7.29 16.00 5.11
CA GLN B 231 -7.06 17.37 4.66
C GLN B 231 -6.09 18.09 5.61
N LYS B 232 -5.44 19.14 5.11
CA LYS B 232 -4.45 19.94 5.88
C LYS B 232 -5.07 21.07 6.69
CA CA C . 8.43 -8.02 -7.05
CL CL D . 16.51 11.97 1.64
C ACT E . 1.85 -15.39 3.68
O ACT E . 0.61 -15.40 3.94
OXT ACT E . 2.68 -16.31 3.77
CH3 ACT E . 2.39 -14.13 3.21
C ACT F . 25.29 -8.16 11.20
O ACT F . 24.33 -8.90 10.95
OXT ACT F . 26.46 -8.27 10.72
CH3 ACT F . 25.02 -7.05 12.14
MG MG G . -2.99 -8.70 -0.65
C1 EDO H . -0.60 5.17 0.93
O1 EDO H . -1.04 6.51 1.32
C2 EDO H . 0.77 4.65 1.42
O2 EDO H . 0.94 3.19 0.99
C1 EDO I . 8.12 8.21 -3.15
O1 EDO I . 7.17 7.42 -2.44
C2 EDO I . 7.57 8.60 -4.51
O2 EDO I . 6.41 9.38 -4.29
CA CA J . -12.33 -2.44 6.12
C1 EDO K . -1.59 -2.32 0.18
O1 EDO K . -1.84 -2.38 1.58
C2 EDO K . -0.26 -2.99 -0.12
O2 EDO K . -0.01 -2.76 -1.49
CL CL L . -25.70 23.11 -9.05
C ACT M . -10.42 -9.98 -6.04
O ACT M . -9.35 -10.62 -6.25
OXT ACT M . -11.58 -10.40 -6.17
CH3 ACT M . -10.38 -8.62 -5.60
CL CL N . -6.00 19.53 2.08
NA NA O . -5.66 -3.52 -6.76
C1 EDO P . -16.25 15.63 6.52
O1 EDO P . -17.12 14.57 6.90
C2 EDO P . -16.77 16.39 5.31
O2 EDO P . -18.13 16.82 5.45
NA NA Q . -23.37 11.44 -11.06
#